data_2OQC
#
_entry.id   2OQC
#
_cell.length_a   110.963
_cell.length_b   307.956
_cell.length_c   56.003
_cell.angle_alpha   90.00
_cell.angle_beta   90.00
_cell.angle_gamma   90.00
#
_symmetry.space_group_name_H-M   'C 2 2 21'
#
loop_
_entity.id
_entity.type
_entity.pdbx_description
1 polymer 'Penicillin V acylase'
2 water water
#
_entity_poly.entity_id   1
_entity_poly.type   'polypeptide(L)'
_entity_poly.pdbx_seq_one_letter_code
;CTSLTLETADRKHVLARTMDFAFQLGTEVILYPRRYSWNSEADGRAHQTQYAFIGMGRKLGNILFADGINESGLSCAALY
FPGYAEYEKTIREDTVHIVPHEFVTWVLSVCQSLEDVKEKIRSLTIVEKKLDLLDTVLPLHWILSDRTGRNLTIEPRADG
LKVYDNQPGVMTNSPDFIWHVTNLQQYTGIRPKQLESKEMGGLALSAFGQGLGTVGLPGDYTPPSRFVRAVYLKEHLEPA
ADETKGVTAAFQILANMTIPKGAVITEEDEIHYTQYTSVMCNETGNYYFHHYDNRQIQKVNLFHEDLDCLEPKVFSAKAE
ESIHELN
;
_entity_poly.pdbx_strand_id   A,B
#
# COMPACT_ATOMS: atom_id res chain seq x y z
N CYS A 1 -7.05 -2.22 -16.86
CA CYS A 1 -8.39 -2.83 -16.84
C CYS A 1 -9.02 -2.73 -15.44
N THR A 2 -10.34 -2.73 -15.37
CA THR A 2 -10.96 -2.67 -14.09
C THR A 2 -11.92 -3.88 -14.03
N SER A 3 -11.93 -4.61 -12.93
CA SER A 3 -12.88 -5.75 -12.85
C SER A 3 -13.58 -5.77 -11.49
N LEU A 4 -14.77 -6.38 -11.44
CA LEU A 4 -15.60 -6.35 -10.23
C LEU A 4 -16.65 -7.43 -10.37
N THR A 5 -17.01 -8.04 -9.24
CA THR A 5 -18.20 -8.92 -9.26
C THR A 5 -19.41 -8.15 -8.69
N LEU A 6 -20.62 -8.60 -9.00
CA LEU A 6 -21.85 -8.05 -8.40
C LEU A 6 -22.71 -9.24 -8.05
N GLU A 7 -23.62 -9.09 -7.08
CA GLU A 7 -24.67 -10.10 -6.80
C GLU A 7 -26.02 -9.48 -7.08
N THR A 8 -26.90 -10.17 -7.79
CA THR A 8 -28.22 -9.62 -7.95
C THR A 8 -29.21 -10.03 -6.78
N ALA A 9 -30.40 -9.43 -6.71
CA ALA A 9 -31.37 -9.79 -5.66
C ALA A 9 -31.85 -11.25 -5.77
N ASP A 10 -31.99 -11.74 -6.98
CA ASP A 10 -32.34 -13.13 -7.18
C ASP A 10 -31.12 -14.04 -7.08
N ARG A 11 -30.03 -13.49 -6.56
CA ARG A 11 -28.83 -14.27 -6.19
C ARG A 11 -28.05 -14.86 -7.33
N LYS A 12 -28.10 -14.21 -8.48
CA LYS A 12 -27.14 -14.51 -9.55
C LYS A 12 -25.87 -13.72 -9.34
N HIS A 13 -24.78 -14.08 -9.98
CA HIS A 13 -23.53 -13.40 -9.78
C HIS A 13 -22.99 -13.09 -11.13
N VAL A 14 -22.29 -11.93 -11.24
CA VAL A 14 -21.62 -11.58 -12.49
C VAL A 14 -20.18 -11.15 -12.22
N LEU A 15 -19.30 -11.42 -13.17
CA LEU A 15 -17.93 -10.95 -13.07
C LEU A 15 -17.76 -10.00 -14.32
N ALA A 16 -17.25 -8.78 -14.09
CA ALA A 16 -17.23 -7.78 -15.16
C ALA A 16 -15.86 -7.16 -15.29
N ARG A 17 -15.47 -6.74 -16.51
CA ARG A 17 -14.14 -6.19 -16.70
C ARG A 17 -14.05 -5.32 -17.95
N THR A 18 -13.36 -4.19 -17.88
CA THR A 18 -13.01 -3.47 -19.09
C THR A 18 -11.60 -4.02 -19.55
N MET A 19 -11.25 -3.87 -20.82
CA MET A 19 -9.95 -4.26 -21.30
C MET A 19 -9.38 -2.97 -21.91
N ASP A 20 -8.42 -2.42 -21.17
CA ASP A 20 -7.75 -1.18 -21.51
C ASP A 20 -6.39 -1.60 -22.11
N PHE A 21 -6.10 -1.22 -23.36
CA PHE A 21 -4.76 -1.50 -23.86
C PHE A 21 -4.43 -0.56 -24.99
N ALA A 22 -3.14 -0.51 -25.39
CA ALA A 22 -2.71 0.27 -26.60
C ALA A 22 -2.68 -0.54 -27.89
N PHE A 23 -2.02 -1.67 -27.91
CA PHE A 23 -2.10 -2.65 -29.00
C PHE A 23 -3.58 -3.13 -29.20
N GLN A 24 -4.10 -3.10 -30.43
CA GLN A 24 -5.36 -3.73 -30.77
C GLN A 24 -5.29 -5.26 -30.62
N LEU A 25 -5.94 -5.81 -29.61
CA LEU A 25 -5.99 -7.27 -29.40
C LEU A 25 -6.85 -8.03 -30.39
N GLY A 26 -7.97 -7.49 -30.83
CA GLY A 26 -8.74 -8.26 -31.73
C GLY A 26 -9.28 -9.56 -31.13
N THR A 27 -9.66 -9.57 -29.86
CA THR A 27 -10.39 -10.72 -29.30
C THR A 27 -11.79 -10.78 -29.86
N GLU A 28 -12.27 -11.99 -30.04
CA GLU A 28 -13.66 -12.26 -30.33
C GLU A 28 -14.14 -13.26 -29.28
N VAL A 29 -15.46 -13.43 -29.12
CA VAL A 29 -15.92 -14.39 -28.11
C VAL A 29 -15.76 -15.71 -28.82
N ILE A 30 -15.10 -16.65 -28.15
CA ILE A 30 -14.92 -18.02 -28.69
C ILE A 30 -15.35 -19.09 -27.69
N LEU A 31 -16.04 -20.08 -28.19
CA LEU A 31 -16.32 -21.29 -27.41
C LEU A 31 -15.12 -22.26 -27.44
N TYR A 32 -14.54 -22.60 -26.31
CA TYR A 32 -13.62 -23.68 -26.23
C TYR A 32 -14.42 -24.95 -25.75
N PRO A 33 -14.59 -25.98 -26.63
CA PRO A 33 -15.47 -27.13 -26.30
C PRO A 33 -14.84 -28.12 -25.22
N ARG A 34 -15.66 -29.00 -24.65
CA ARG A 34 -15.05 -30.02 -23.77
C ARG A 34 -14.30 -31.14 -24.51
N ARG A 35 -13.37 -31.79 -23.84
CA ARG A 35 -12.57 -32.89 -24.48
C ARG A 35 -11.73 -32.38 -25.67
N TYR A 36 -11.20 -31.18 -25.54
CA TYR A 36 -10.46 -30.58 -26.64
C TYR A 36 -8.96 -30.68 -26.28
N SER A 37 -8.21 -31.17 -27.25
CA SER A 37 -6.80 -31.43 -27.02
C SER A 37 -6.03 -30.24 -27.38
N TRP A 38 -5.11 -29.86 -26.50
CA TRP A 38 -4.15 -28.80 -26.82
C TRP A 38 -2.78 -29.09 -26.17
N ASN A 39 -1.77 -28.34 -26.57
CA ASN A 39 -0.48 -28.54 -25.99
C ASN A 39 0.08 -27.21 -25.53
N SER A 40 0.70 -27.18 -24.33
CA SER A 40 1.22 -25.97 -23.68
C SER A 40 2.51 -25.44 -24.33
N GLU A 41 2.66 -24.13 -24.39
CA GLU A 41 3.84 -23.55 -25.03
C GLU A 41 4.99 -23.82 -24.07
N ALA A 42 4.62 -24.23 -22.62
CA ALA A 42 5.65 -24.36 -21.60
C ALA A 42 6.63 -25.43 -22.00
N ASP A 43 6.10 -26.59 -22.42
CA ASP A 43 6.91 -27.81 -22.61
C ASP A 43 6.37 -28.72 -23.76
N GLY A 44 5.33 -28.29 -24.50
CA GLY A 44 4.68 -29.15 -25.47
C GLY A 44 3.77 -30.25 -24.95
N ARG A 45 3.63 -30.42 -23.64
CA ARG A 45 2.81 -31.49 -23.06
C ARG A 45 1.27 -31.39 -23.32
N ALA A 46 0.65 -32.57 -23.38
CA ALA A 46 -0.75 -32.70 -23.71
C ALA A 46 -1.74 -32.25 -22.64
N HIS A 47 -2.85 -31.63 -23.07
CA HIS A 47 -3.96 -31.27 -22.16
C HIS A 47 -5.21 -31.64 -22.82
N GLN A 48 -6.14 -32.11 -22.02
CA GLN A 48 -7.45 -32.37 -22.56
C GLN A 48 -8.48 -31.55 -21.75
N THR A 49 -9.21 -30.65 -22.36
CA THR A 49 -10.15 -29.89 -21.58
C THR A 49 -11.31 -30.78 -20.93
N GLN A 50 -11.69 -30.43 -19.72
CA GLN A 50 -12.83 -31.06 -19.10
C GLN A 50 -14.13 -30.22 -19.17
N TYR A 51 -14.01 -28.89 -18.99
CA TYR A 51 -15.22 -28.06 -19.02
C TYR A 51 -15.22 -27.07 -20.21
N ALA A 52 -16.31 -27.04 -20.95
CA ALA A 52 -16.46 -26.01 -21.97
C ALA A 52 -16.66 -24.61 -21.30
N PHE A 53 -16.18 -23.59 -22.04
CA PHE A 53 -16.28 -22.20 -21.68
C PHE A 53 -16.28 -21.27 -22.94
N ILE A 54 -16.72 -20.04 -22.71
CA ILE A 54 -16.65 -19.02 -23.69
C ILE A 54 -15.91 -17.85 -23.05
N GLY A 55 -15.25 -17.05 -23.90
CA GLY A 55 -14.63 -15.84 -23.45
C GLY A 55 -13.92 -15.11 -24.60
N MET A 56 -13.45 -13.89 -24.35
CA MET A 56 -12.76 -13.14 -25.41
C MET A 56 -11.38 -13.78 -25.62
N GLY A 57 -11.15 -14.25 -26.85
CA GLY A 57 -9.82 -14.73 -27.19
C GLY A 57 -9.33 -14.44 -28.56
N ARG A 58 -8.18 -15.01 -28.85
CA ARG A 58 -7.55 -14.85 -30.15
C ARG A 58 -6.67 -16.03 -30.47
N LYS A 59 -6.73 -16.46 -31.72
CA LYS A 59 -5.90 -17.55 -32.19
C LYS A 59 -4.47 -17.12 -32.46
N LEU A 60 -3.55 -17.59 -31.63
CA LEU A 60 -2.17 -17.17 -31.75
C LEU A 60 -1.31 -18.40 -31.54
N GLY A 61 -1.54 -19.38 -32.40
CA GLY A 61 -1.06 -20.77 -32.12
C GLY A 61 -2.23 -21.49 -31.51
N ASN A 62 -2.21 -21.68 -30.20
CA ASN A 62 -3.44 -21.97 -29.52
C ASN A 62 -4.23 -20.64 -29.38
N ILE A 63 -5.50 -20.85 -29.05
CA ILE A 63 -6.48 -19.77 -28.88
C ILE A 63 -6.45 -19.25 -27.48
N LEU A 64 -5.66 -18.00 -27.02
CA LEU A 64 -5.39 -17.28 -25.82
C LEU A 64 -6.63 -16.47 -25.41
N PHE A 65 -7.03 -16.61 -24.15
CA PHE A 65 -8.25 -15.96 -23.65
C PHE A 65 -7.90 -14.88 -22.63
N ALA A 66 -8.55 -13.72 -22.70
CA ALA A 66 -8.41 -12.69 -21.72
C ALA A 66 -9.36 -12.93 -20.52
N ASP A 67 -10.40 -13.73 -20.76
CA ASP A 67 -11.39 -14.01 -19.74
C ASP A 67 -12.30 -15.15 -20.16
N GLY A 68 -13.21 -15.57 -19.27
CA GLY A 68 -14.26 -16.44 -19.74
C GLY A 68 -15.05 -16.97 -18.59
N ILE A 69 -16.15 -17.64 -18.96
CA ILE A 69 -17.13 -18.29 -18.06
C ILE A 69 -17.34 -19.75 -18.50
N ASN A 70 -17.12 -20.70 -17.60
CA ASN A 70 -17.33 -22.16 -17.96
C ASN A 70 -18.67 -22.76 -17.60
N GLU A 71 -18.92 -23.94 -18.10
CA GLU A 71 -20.18 -24.64 -17.92
C GLU A 71 -20.53 -24.99 -16.49
N SER A 72 -19.60 -24.85 -15.56
CA SER A 72 -20.00 -25.26 -14.26
C SER A 72 -19.98 -24.07 -13.32
N GLY A 73 -19.92 -22.87 -13.92
CA GLY A 73 -20.13 -21.57 -13.27
C GLY A 73 -18.90 -20.84 -12.79
N LEU A 74 -17.71 -21.30 -13.18
CA LEU A 74 -16.51 -20.59 -12.82
C LEU A 74 -16.12 -19.58 -13.92
N SER A 75 -15.75 -18.41 -13.45
CA SER A 75 -15.42 -17.33 -14.28
C SER A 75 -14.01 -16.83 -13.98
N CYS A 76 -13.31 -16.29 -14.98
CA CYS A 76 -12.00 -15.75 -14.60
C CYS A 76 -11.66 -14.59 -15.47
N ALA A 77 -10.89 -13.65 -14.97
CA ALA A 77 -10.37 -12.64 -15.90
C ALA A 77 -8.92 -12.35 -15.62
N ALA A 78 -8.16 -12.26 -16.71
CA ALA A 78 -6.73 -11.92 -16.67
C ALA A 78 -6.56 -10.41 -16.90
N LEU A 79 -5.83 -9.71 -16.03
CA LEU A 79 -5.61 -8.27 -16.10
C LEU A 79 -4.13 -8.01 -15.90
N TYR A 80 -3.63 -6.94 -16.47
CA TYR A 80 -2.22 -6.59 -16.46
C TYR A 80 -1.80 -6.29 -15.06
N PHE A 81 -0.56 -6.65 -14.80
CA PHE A 81 0.05 -6.65 -13.49
C PHE A 81 1.55 -6.38 -13.63
N PRO A 82 1.93 -5.29 -14.30
CA PRO A 82 3.37 -5.07 -14.68
C PRO A 82 4.19 -4.66 -13.45
N GLY A 83 5.44 -5.15 -13.39
CA GLY A 83 6.37 -4.82 -12.35
C GLY A 83 6.18 -5.80 -11.22
N TYR A 84 5.07 -6.53 -11.11
CA TYR A 84 4.86 -7.27 -9.86
C TYR A 84 4.80 -8.76 -10.17
N ALA A 85 4.33 -9.11 -11.39
CA ALA A 85 4.24 -10.48 -11.82
C ALA A 85 5.62 -11.09 -11.94
N GLU A 86 5.73 -12.33 -11.50
CA GLU A 86 7.00 -13.02 -11.34
C GLU A 86 6.67 -14.46 -11.55
N TYR A 87 7.30 -15.08 -12.54
CA TYR A 87 7.05 -16.49 -12.81
C TYR A 87 8.28 -17.37 -12.49
N GLU A 88 8.08 -18.66 -12.62
CA GLU A 88 9.10 -19.66 -12.41
C GLU A 88 10.04 -19.77 -13.63
N LYS A 89 11.37 -19.61 -13.46
CA LYS A 89 12.30 -19.54 -14.62
C LYS A 89 12.73 -20.92 -15.09
N THR A 90 12.65 -21.85 -14.14
CA THR A 90 13.18 -23.20 -14.30
C THR A 90 12.01 -24.18 -14.24
N ILE A 91 12.04 -25.21 -15.08
CA ILE A 91 10.96 -26.20 -14.98
C ILE A 91 11.09 -27.12 -13.73
N ARG A 92 10.10 -27.06 -12.82
CA ARG A 92 9.99 -27.98 -11.63
C ARG A 92 9.71 -29.45 -12.05
N GLU A 93 9.24 -30.30 -11.15
CA GLU A 93 8.69 -31.58 -11.64
C GLU A 93 7.58 -32.12 -10.77
N ASP A 94 6.82 -33.07 -11.33
CA ASP A 94 5.60 -33.55 -10.67
C ASP A 94 4.54 -32.44 -10.68
N THR A 95 4.70 -31.49 -11.62
CA THR A 95 3.74 -30.39 -11.74
C THR A 95 3.36 -30.17 -13.20
N VAL A 96 2.16 -29.60 -13.37
CA VAL A 96 1.66 -29.16 -14.62
C VAL A 96 2.28 -27.80 -14.88
N HIS A 97 2.86 -27.67 -16.06
CA HIS A 97 3.55 -26.46 -16.44
C HIS A 97 2.71 -25.76 -17.47
N ILE A 98 2.47 -24.47 -17.23
CA ILE A 98 1.88 -23.61 -18.30
C ILE A 98 2.57 -22.31 -18.37
N VAL A 99 2.39 -21.58 -19.47
CA VAL A 99 2.87 -20.18 -19.58
C VAL A 99 1.77 -19.15 -19.11
N PRO A 100 2.15 -17.86 -18.87
CA PRO A 100 1.12 -16.89 -18.24
C PRO A 100 -0.17 -16.81 -19.02
N HIS A 101 -0.08 -16.61 -20.36
CA HIS A 101 -1.23 -16.51 -21.20
C HIS A 101 -2.07 -17.77 -21.38
N GLU A 102 -1.74 -18.86 -20.72
CA GLU A 102 -2.57 -20.06 -20.78
C GLU A 102 -3.40 -20.26 -19.51
N PHE A 103 -3.14 -19.45 -18.46
CA PHE A 103 -3.87 -19.56 -17.20
C PHE A 103 -5.41 -19.62 -17.33
N VAL A 104 -5.96 -18.68 -18.09
CA VAL A 104 -7.39 -18.62 -18.22
C VAL A 104 -7.81 -19.92 -18.88
N THR A 105 -7.16 -20.30 -19.97
CA THR A 105 -7.58 -21.57 -20.63
C THR A 105 -7.54 -22.72 -19.63
N TRP A 106 -6.51 -22.72 -18.83
CA TRP A 106 -6.22 -23.87 -17.98
C TRP A 106 -7.28 -23.87 -16.89
N VAL A 107 -7.34 -22.78 -16.14
CA VAL A 107 -8.20 -22.78 -14.99
C VAL A 107 -9.65 -23.06 -15.30
N LEU A 108 -10.09 -22.55 -16.42
CA LEU A 108 -11.49 -22.66 -16.85
C LEU A 108 -11.80 -24.04 -17.49
N SER A 109 -10.79 -24.66 -18.08
CA SER A 109 -10.96 -25.94 -18.77
C SER A 109 -10.97 -27.07 -17.77
N VAL A 110 -10.32 -26.86 -16.65
CA VAL A 110 -9.96 -27.96 -15.74
C VAL A 110 -10.65 -27.86 -14.36
N CYS A 111 -11.08 -26.65 -13.99
CA CYS A 111 -11.64 -26.46 -12.65
C CYS A 111 -13.11 -26.18 -12.63
N GLN A 112 -13.76 -26.72 -11.64
CA GLN A 112 -15.17 -26.55 -11.66
C GLN A 112 -15.66 -25.58 -10.69
N SER A 113 -14.81 -25.03 -9.85
CA SER A 113 -15.30 -24.12 -8.81
C SER A 113 -14.07 -23.48 -8.22
N LEU A 114 -14.26 -22.49 -7.37
CA LEU A 114 -13.14 -21.94 -6.61
C LEU A 114 -12.48 -22.93 -5.69
N GLU A 115 -13.22 -23.75 -4.95
CA GLU A 115 -12.57 -24.78 -4.15
C GLU A 115 -11.62 -25.60 -5.03
N ASP A 116 -12.12 -25.99 -6.18
CA ASP A 116 -11.40 -26.84 -7.07
C ASP A 116 -10.13 -26.13 -7.54
N VAL A 117 -10.25 -24.81 -7.76
CA VAL A 117 -9.09 -23.98 -8.04
C VAL A 117 -8.00 -23.97 -6.96
N LYS A 118 -8.40 -23.64 -5.74
CA LYS A 118 -7.46 -23.61 -4.62
C LYS A 118 -6.74 -25.01 -4.50
N GLU A 119 -7.41 -26.10 -4.88
CA GLU A 119 -6.74 -27.41 -4.78
C GLU A 119 -5.84 -27.75 -6.00
N LYS A 120 -6.32 -27.54 -7.24
CA LYS A 120 -5.48 -27.92 -8.43
C LYS A 120 -4.29 -27.03 -8.55
N ILE A 121 -4.44 -25.80 -8.10
CA ILE A 121 -3.39 -24.85 -8.27
C ILE A 121 -2.16 -25.24 -7.45
N ARG A 122 -2.37 -26.06 -6.42
CA ARG A 122 -1.28 -26.48 -5.53
C ARG A 122 -0.22 -27.24 -6.35
N SER A 123 -0.64 -27.87 -7.44
CA SER A 123 0.35 -28.51 -8.28
C SER A 123 0.48 -27.90 -9.68
N LEU A 124 0.35 -26.56 -9.78
CA LEU A 124 0.59 -25.80 -11.02
C LEU A 124 1.89 -25.01 -11.00
N THR A 125 2.62 -25.03 -12.08
CA THR A 125 3.74 -24.13 -12.23
C THR A 125 3.53 -23.25 -13.44
N ILE A 126 3.54 -21.93 -13.21
CA ILE A 126 3.50 -20.99 -14.33
C ILE A 126 4.92 -20.60 -14.64
N VAL A 127 5.35 -20.82 -15.89
CA VAL A 127 6.76 -20.49 -16.27
C VAL A 127 6.92 -19.25 -17.14
N GLU A 128 7.98 -18.49 -16.92
CA GLU A 128 8.29 -17.34 -17.73
C GLU A 128 8.50 -17.70 -19.20
N LYS A 129 7.61 -17.29 -20.08
CA LYS A 129 7.76 -17.55 -21.48
C LYS A 129 7.01 -16.43 -22.23
N LYS A 130 7.60 -15.93 -23.32
CA LYS A 130 7.03 -14.83 -24.10
C LYS A 130 5.74 -15.15 -24.83
N LEU A 131 4.88 -14.16 -24.94
CA LEU A 131 3.90 -14.25 -25.95
C LEU A 131 4.59 -13.73 -27.24
N ASP A 132 4.68 -14.54 -28.31
CA ASP A 132 5.39 -14.11 -29.53
C ASP A 132 4.85 -12.86 -30.14
N LEU A 133 3.53 -12.79 -30.24
CA LEU A 133 2.93 -11.64 -30.89
C LEU A 133 3.52 -10.33 -30.36
N LEU A 134 3.87 -10.30 -29.07
CA LEU A 134 4.22 -9.07 -28.42
C LEU A 134 5.66 -9.06 -28.02
N ASP A 135 6.32 -10.19 -28.22
CA ASP A 135 7.73 -10.34 -27.88
C ASP A 135 8.03 -9.93 -26.44
N THR A 136 7.20 -10.41 -25.49
CA THR A 136 7.35 -10.11 -24.05
C THR A 136 6.60 -11.15 -23.19
N VAL A 137 7.03 -11.37 -21.97
CA VAL A 137 6.34 -12.27 -21.09
C VAL A 137 5.17 -11.42 -20.49
N LEU A 138 3.92 -11.82 -20.67
CA LEU A 138 2.80 -11.04 -20.10
C LEU A 138 2.83 -11.00 -18.59
N PRO A 139 2.83 -9.81 -18.00
CA PRO A 139 2.65 -9.79 -16.54
C PRO A 139 1.15 -9.75 -16.18
N LEU A 140 0.64 -10.73 -15.45
CA LEU A 140 -0.81 -10.91 -15.38
C LEU A 140 -1.11 -11.23 -14.01
N HIS A 141 -2.35 -10.94 -13.59
CA HIS A 141 -2.94 -11.52 -12.36
C HIS A 141 -4.43 -11.74 -12.59
N TRP A 142 -5.15 -12.45 -11.72
CA TRP A 142 -6.43 -13.01 -12.12
C TRP A 142 -7.49 -12.86 -11.03
N ILE A 143 -8.73 -12.64 -11.44
CA ILE A 143 -9.79 -12.55 -10.51
C ILE A 143 -10.74 -13.63 -10.91
N LEU A 144 -11.32 -14.31 -9.92
CA LEU A 144 -12.24 -15.37 -10.24
C LEU A 144 -13.39 -15.40 -9.32
N SER A 145 -14.40 -16.09 -9.79
CA SER A 145 -15.76 -16.02 -9.31
C SER A 145 -16.38 -17.39 -9.57
N ASP A 146 -17.36 -17.76 -8.76
CA ASP A 146 -18.22 -18.92 -9.08
C ASP A 146 -19.68 -18.76 -8.57
N ARG A 147 -20.45 -19.84 -8.57
CA ARG A 147 -21.86 -19.79 -8.21
C ARG A 147 -22.06 -19.68 -6.68
N THR A 148 -20.98 -19.72 -5.88
CA THR A 148 -21.10 -19.57 -4.41
C THR A 148 -21.14 -18.12 -4.05
N GLY A 149 -20.72 -17.27 -4.97
CA GLY A 149 -20.60 -15.86 -4.66
C GLY A 149 -19.30 -15.53 -3.94
N ARG A 150 -18.38 -16.46 -3.73
CA ARG A 150 -17.09 -16.03 -3.28
C ARG A 150 -16.20 -15.55 -4.46
N ASN A 151 -15.11 -14.84 -4.14
CA ASN A 151 -14.25 -14.34 -5.19
C ASN A 151 -12.81 -14.59 -4.78
N LEU A 152 -11.92 -14.76 -5.75
CA LEU A 152 -10.54 -14.91 -5.41
C LEU A 152 -9.73 -14.02 -6.31
N THR A 153 -8.60 -13.58 -5.83
CA THR A 153 -7.64 -12.98 -6.72
C THR A 153 -6.34 -13.80 -6.54
N ILE A 154 -5.67 -14.06 -7.66
CA ILE A 154 -4.49 -14.92 -7.66
C ILE A 154 -3.42 -14.09 -8.36
N GLU A 155 -2.26 -14.01 -7.73
CA GLU A 155 -1.19 -13.12 -8.19
C GLU A 155 0.09 -13.88 -8.22
N PRO A 156 0.76 -13.90 -9.38
CA PRO A 156 2.03 -14.66 -9.46
C PRO A 156 3.18 -13.84 -8.87
N ARG A 157 3.75 -14.22 -7.77
CA ARG A 157 4.79 -13.39 -7.15
C ARG A 157 6.15 -14.13 -7.15
N ALA A 158 7.21 -13.39 -6.79
CA ALA A 158 8.58 -13.94 -6.56
C ALA A 158 8.54 -15.20 -5.71
N ASP A 159 7.73 -15.12 -4.67
CA ASP A 159 7.50 -16.21 -3.76
C ASP A 159 6.50 -17.31 -4.13
N GLY A 160 6.09 -17.46 -5.40
CA GLY A 160 4.94 -18.36 -5.78
C GLY A 160 3.56 -17.72 -6.06
N LEU A 161 2.59 -18.55 -6.48
CA LEU A 161 1.21 -18.15 -6.66
C LEU A 161 0.53 -17.75 -5.39
N LYS A 162 0.15 -16.48 -5.21
CA LYS A 162 -0.58 -16.09 -4.02
C LYS A 162 -2.09 -16.08 -4.28
N VAL A 163 -2.86 -16.64 -3.35
CA VAL A 163 -4.26 -16.72 -3.51
C VAL A 163 -4.92 -15.90 -2.42
N TYR A 164 -5.81 -14.97 -2.76
CA TYR A 164 -6.50 -14.21 -1.73
C TYR A 164 -7.99 -14.33 -1.86
N ASP A 165 -8.68 -14.47 -0.72
CA ASP A 165 -10.12 -14.20 -0.71
C ASP A 165 -10.31 -12.73 -1.11
N ASN A 166 -11.08 -12.43 -2.14
CA ASN A 166 -11.20 -11.01 -2.54
C ASN A 166 -12.57 -10.52 -2.01
N GLN A 167 -12.58 -9.94 -0.83
CA GLN A 167 -13.86 -9.48 -0.19
C GLN A 167 -14.58 -8.37 -0.96
N PRO A 168 -13.84 -7.33 -1.37
CA PRO A 168 -14.49 -6.30 -2.12
C PRO A 168 -14.97 -6.80 -3.45
N GLY A 169 -14.45 -7.91 -3.98
CA GLY A 169 -14.88 -8.22 -5.31
C GLY A 169 -14.48 -7.18 -6.37
N VAL A 170 -13.23 -6.66 -6.25
CA VAL A 170 -12.68 -5.72 -7.25
C VAL A 170 -11.21 -6.01 -7.52
N MET A 171 -10.71 -5.87 -8.74
CA MET A 171 -9.25 -5.89 -8.94
C MET A 171 -8.93 -4.96 -10.16
N THR A 172 -7.84 -4.22 -10.13
CA THR A 172 -7.38 -3.51 -11.31
C THR A 172 -6.00 -4.08 -11.71
N ASN A 173 -4.94 -3.35 -11.48
CA ASN A 173 -3.64 -3.77 -11.91
C ASN A 173 -2.69 -3.67 -10.73
N SER A 174 -1.45 -3.24 -10.97
CA SER A 174 -0.46 -3.12 -9.92
C SER A 174 -0.76 -1.92 -9.08
N PRO A 175 -0.21 -1.90 -7.85
CA PRO A 175 0.58 -2.99 -7.16
C PRO A 175 -0.25 -4.17 -6.63
N ASP A 176 0.26 -4.89 -5.62
CA ASP A 176 -0.30 -6.17 -5.24
C ASP A 176 -1.63 -6.04 -4.55
N PHE A 177 -2.33 -7.17 -4.38
CA PHE A 177 -3.71 -7.08 -3.96
C PHE A 177 -3.83 -6.48 -2.55
N ILE A 178 -2.98 -6.91 -1.61
CA ILE A 178 -3.19 -6.46 -0.24
C ILE A 178 -2.92 -4.93 -0.16
N TRP A 179 -1.97 -4.47 -1.00
CA TRP A 179 -1.75 -3.00 -1.17
C TRP A 179 -3.04 -2.16 -1.35
N HIS A 180 -3.84 -2.50 -2.35
CA HIS A 180 -5.13 -1.92 -2.70
C HIS A 180 -6.19 -2.02 -1.59
N VAL A 181 -6.38 -3.22 -1.07
CA VAL A 181 -7.33 -3.41 -0.01
C VAL A 181 -6.93 -2.50 1.16
N THR A 182 -5.65 -2.44 1.47
CA THR A 182 -5.19 -1.51 2.49
C THR A 182 -5.45 -0.06 2.14
N ASN A 183 -5.23 0.29 0.88
CA ASN A 183 -5.37 1.69 0.49
C ASN A 183 -6.85 2.11 0.65
N LEU A 184 -7.82 1.17 0.64
CA LEU A 184 -9.21 1.57 0.68
C LEU A 184 -9.50 2.30 1.96
N GLN A 185 -8.68 2.09 2.99
CA GLN A 185 -8.89 2.70 4.30
C GLN A 185 -8.77 4.23 4.21
N GLN A 186 -8.08 4.78 3.21
CA GLN A 186 -7.99 6.24 3.14
C GLN A 186 -9.32 6.84 2.65
N TYR A 187 -10.19 5.99 2.10
CA TYR A 187 -11.34 6.50 1.33
C TYR A 187 -12.73 6.24 1.89
N THR A 188 -12.77 5.83 3.16
CA THR A 188 -14.00 5.36 3.83
C THR A 188 -14.90 6.62 4.13
N GLY A 189 -14.33 7.81 4.01
CA GLY A 189 -15.13 8.99 4.21
C GLY A 189 -15.91 9.33 3.00
N ILE A 190 -15.65 8.72 1.82
CA ILE A 190 -16.48 9.09 0.69
C ILE A 190 -17.95 8.54 0.83
N ARG A 191 -18.98 9.35 0.59
CA ARG A 191 -20.29 8.77 0.80
C ARG A 191 -21.37 9.49 -0.02
N PRO A 192 -22.48 8.82 -0.37
CA PRO A 192 -23.48 9.31 -1.30
C PRO A 192 -24.23 10.63 -0.88
N LYS A 193 -24.43 10.81 0.40
CA LYS A 193 -25.21 11.87 0.96
C LYS A 193 -24.26 12.80 1.66
N GLN A 194 -24.36 14.06 1.37
CA GLN A 194 -23.69 15.13 2.10
C GLN A 194 -24.09 15.13 3.58
N LEU A 195 -23.07 15.07 4.43
CA LEU A 195 -22.98 15.74 5.73
C LEU A 195 -24.12 16.69 6.23
N GLU A 196 -24.17 17.96 5.77
CA GLU A 196 -25.40 18.81 5.97
C GLU A 196 -25.79 19.68 4.76
N ALA A 207 -24.30 23.81 -1.76
CA ALA A 207 -25.42 23.52 -2.66
C ALA A 207 -25.21 24.02 -4.13
N PHE A 208 -24.09 23.61 -4.74
CA PHE A 208 -23.98 23.82 -6.19
C PHE A 208 -24.89 22.81 -6.95
N GLY A 209 -25.09 21.70 -6.23
CA GLY A 209 -25.87 20.60 -6.75
C GLY A 209 -25.74 19.42 -5.84
N GLN A 210 -25.95 18.24 -6.39
CA GLN A 210 -25.78 17.02 -5.66
C GLN A 210 -24.34 16.58 -5.61
N GLY A 211 -24.04 15.51 -4.89
CA GLY A 211 -22.74 14.82 -4.97
C GLY A 211 -21.64 15.26 -4.06
N LEU A 212 -21.88 16.28 -3.29
CA LEU A 212 -20.86 16.72 -2.33
C LEU A 212 -20.32 15.59 -1.37
N GLY A 213 -21.17 14.63 -0.94
CA GLY A 213 -20.56 13.54 -0.16
C GLY A 213 -19.44 12.73 -0.85
N THR A 214 -19.42 12.81 -2.17
CA THR A 214 -18.61 12.02 -3.09
C THR A 214 -17.26 12.71 -3.29
N VAL A 215 -17.10 13.91 -2.76
CA VAL A 215 -15.86 14.62 -2.96
C VAL A 215 -14.70 13.77 -2.40
N GLY A 216 -13.60 13.64 -3.11
CA GLY A 216 -12.53 12.76 -2.71
C GLY A 216 -12.43 11.52 -3.54
N LEU A 217 -13.49 11.08 -4.22
CA LEU A 217 -13.39 9.96 -5.08
C LEU A 217 -12.32 10.27 -6.14
N PRO A 218 -11.29 9.40 -6.31
CA PRO A 218 -10.22 9.58 -7.30
C PRO A 218 -10.81 9.58 -8.69
N GLY A 219 -10.43 10.55 -9.55
CA GLY A 219 -10.86 10.61 -10.96
C GLY A 219 -9.89 10.14 -12.02
N ASP A 220 -8.65 9.87 -11.64
CA ASP A 220 -7.63 9.57 -12.69
C ASP A 220 -7.64 8.10 -13.09
N TYR A 221 -6.87 7.70 -14.08
CA TYR A 221 -6.98 6.39 -14.72
C TYR A 221 -5.87 5.45 -14.23
N THR A 222 -5.11 5.88 -13.25
CA THR A 222 -4.17 4.95 -12.67
C THR A 222 -4.79 3.77 -11.96
N PRO A 223 -4.08 2.64 -11.88
CA PRO A 223 -4.76 1.47 -11.18
C PRO A 223 -5.30 1.65 -9.76
N PRO A 224 -4.54 2.25 -8.79
CA PRO A 224 -5.11 2.47 -7.44
C PRO A 224 -6.42 3.33 -7.44
N SER A 225 -6.44 4.38 -8.28
CA SER A 225 -7.61 5.22 -8.36
C SER A 225 -8.78 4.50 -8.95
N ARG A 226 -8.56 3.67 -9.95
CA ARG A 226 -9.74 3.06 -10.50
C ARG A 226 -10.25 1.97 -9.51
N PHE A 227 -9.36 1.38 -8.70
CA PHE A 227 -9.73 0.39 -7.77
C PHE A 227 -10.71 0.99 -6.71
N VAL A 228 -10.34 2.14 -6.15
CA VAL A 228 -11.12 2.83 -5.15
C VAL A 228 -12.47 3.33 -5.73
N ARG A 229 -12.51 3.69 -6.97
CA ARG A 229 -13.70 4.30 -7.52
C ARG A 229 -14.63 3.12 -7.72
N ALA A 230 -14.10 1.96 -8.14
CA ALA A 230 -14.96 0.76 -8.38
C ALA A 230 -15.54 0.26 -7.03
N VAL A 231 -14.75 0.26 -5.97
CA VAL A 231 -15.22 -0.17 -4.67
C VAL A 231 -16.32 0.82 -4.18
N TYR A 232 -16.11 2.14 -4.32
CA TYR A 232 -17.13 3.05 -3.93
C TYR A 232 -18.46 2.79 -4.64
N LEU A 233 -18.41 2.67 -5.97
CA LEU A 233 -19.63 2.54 -6.75
C LEU A 233 -20.37 1.22 -6.49
N LYS A 234 -19.58 0.14 -6.38
CA LYS A 234 -20.16 -1.13 -6.14
C LYS A 234 -20.72 -1.11 -4.72
N GLU A 235 -19.96 -0.57 -3.74
CA GLU A 235 -20.52 -0.61 -2.35
C GLU A 235 -21.88 0.06 -2.22
N HIS A 236 -22.12 1.09 -3.02
CA HIS A 236 -23.27 1.90 -2.85
C HIS A 236 -24.23 1.67 -3.95
N LEU A 237 -24.03 0.67 -4.80
CA LEU A 237 -25.05 0.42 -5.84
C LEU A 237 -26.39 -0.05 -5.29
N GLU A 238 -27.47 0.55 -5.74
CA GLU A 238 -28.74 -0.05 -5.45
C GLU A 238 -28.79 -1.48 -5.98
N PRO A 239 -29.44 -2.39 -5.25
CA PRO A 239 -29.54 -3.78 -5.65
C PRO A 239 -30.17 -3.94 -6.98
N ALA A 240 -29.59 -4.79 -7.78
CA ALA A 240 -30.11 -5.05 -9.10
C ALA A 240 -31.02 -6.31 -9.01
N ALA A 241 -32.27 -6.18 -9.51
CA ALA A 241 -33.29 -7.21 -9.35
C ALA A 241 -32.95 -8.60 -9.93
N ASP A 242 -32.28 -8.62 -11.08
CA ASP A 242 -32.02 -9.86 -11.80
C ASP A 242 -30.84 -9.73 -12.74
N GLU A 243 -30.53 -10.81 -13.49
CA GLU A 243 -29.39 -10.89 -14.45
C GLU A 243 -29.25 -9.67 -15.34
N THR A 244 -30.29 -9.36 -16.11
CA THR A 244 -30.22 -8.24 -17.01
C THR A 244 -29.87 -7.01 -16.24
N LYS A 245 -30.55 -6.83 -15.12
CA LYS A 245 -30.36 -5.60 -14.36
C LYS A 245 -28.96 -5.53 -13.79
N GLY A 246 -28.45 -6.73 -13.44
CA GLY A 246 -27.07 -6.90 -12.96
C GLY A 246 -26.05 -6.49 -14.02
N VAL A 247 -26.39 -6.78 -15.27
CA VAL A 247 -25.48 -6.61 -16.39
C VAL A 247 -25.41 -5.11 -16.72
N THR A 248 -26.61 -4.48 -16.80
CA THR A 248 -26.72 -3.05 -16.84
C THR A 248 -25.92 -2.35 -15.75
N ALA A 249 -26.00 -2.85 -14.52
CA ALA A 249 -25.42 -2.11 -13.39
C ALA A 249 -23.94 -2.17 -13.60
N ALA A 250 -23.40 -3.40 -13.80
CA ALA A 250 -21.94 -3.61 -14.08
C ALA A 250 -21.45 -2.64 -15.18
N PHE A 251 -22.18 -2.54 -16.28
CA PHE A 251 -21.77 -1.56 -17.31
C PHE A 251 -21.83 -0.11 -16.85
N GLN A 252 -22.87 0.22 -16.04
CA GLN A 252 -23.01 1.61 -15.51
C GLN A 252 -21.83 1.96 -14.62
N ILE A 253 -21.40 1.05 -13.74
CA ILE A 253 -20.20 1.24 -12.94
C ILE A 253 -18.97 1.38 -13.85
N LEU A 254 -18.80 0.46 -14.78
CA LEU A 254 -17.51 0.41 -15.47
C LEU A 254 -17.46 1.57 -16.50
N ALA A 255 -18.61 2.22 -16.78
CA ALA A 255 -18.64 3.44 -17.59
C ALA A 255 -17.72 4.47 -16.91
N ASN A 256 -17.72 4.47 -15.59
CA ASN A 256 -16.93 5.39 -14.87
C ASN A 256 -15.40 5.11 -14.96
N MET A 257 -14.97 4.06 -15.63
CA MET A 257 -13.51 3.74 -15.69
C MET A 257 -13.17 3.49 -17.16
N THR A 258 -14.05 4.00 -18.03
CA THR A 258 -13.96 3.88 -19.48
C THR A 258 -13.00 4.97 -20.10
N ILE A 259 -11.89 4.55 -20.73
CA ILE A 259 -10.91 5.52 -21.24
C ILE A 259 -11.17 5.92 -22.70
N PRO A 260 -11.61 7.16 -22.97
CA PRO A 260 -11.76 7.57 -24.40
C PRO A 260 -10.40 7.65 -25.06
N LYS A 261 -10.33 7.52 -26.40
CA LYS A 261 -9.07 7.69 -27.14
C LYS A 261 -8.53 9.10 -27.00
N GLY A 262 -7.32 9.18 -26.43
CA GLY A 262 -6.52 10.39 -26.35
C GLY A 262 -6.29 10.74 -24.92
N ALA A 263 -7.19 10.29 -24.04
CA ALA A 263 -7.15 10.57 -22.60
C ALA A 263 -5.90 10.05 -21.94
N VAL A 264 -5.37 8.90 -22.40
CA VAL A 264 -4.16 8.33 -21.76
C VAL A 264 -3.18 7.89 -22.84
N ILE A 265 -1.92 8.28 -22.69
CA ILE A 265 -0.90 8.00 -23.68
C ILE A 265 0.28 7.31 -23.06
N THR A 266 0.77 6.29 -23.72
CA THR A 266 1.87 5.47 -23.09
C THR A 266 3.19 6.16 -23.30
N GLU A 267 4.22 5.69 -22.61
CA GLU A 267 5.63 5.96 -22.85
C GLU A 267 6.08 5.91 -24.33
N GLU A 268 5.49 5.01 -25.14
CA GLU A 268 5.82 4.92 -26.55
C GLU A 268 4.95 5.81 -27.39
N ASP A 269 4.17 6.70 -26.78
CA ASP A 269 3.24 7.54 -27.58
C ASP A 269 2.10 6.81 -28.23
N GLU A 270 1.68 5.68 -27.67
CA GLU A 270 0.47 5.02 -28.13
C GLU A 270 -0.72 5.40 -27.21
N ILE A 271 -1.90 5.35 -27.78
CA ILE A 271 -3.09 5.67 -27.16
C ILE A 271 -3.57 4.41 -26.48
N HIS A 272 -3.82 4.53 -25.18
CA HIS A 272 -4.22 3.45 -24.35
C HIS A 272 -5.73 3.65 -23.95
N TYR A 273 -6.62 2.80 -24.41
CA TYR A 273 -8.02 3.21 -24.25
C TYR A 273 -8.81 1.96 -23.99
N THR A 274 -10.06 2.11 -23.59
CA THR A 274 -10.84 0.95 -23.22
C THR A 274 -11.38 0.31 -24.51
N GLN A 275 -10.98 -0.92 -24.83
CA GLN A 275 -11.34 -1.48 -26.17
C GLN A 275 -12.64 -2.24 -26.14
N TYR A 276 -12.89 -2.96 -25.01
CA TYR A 276 -14.15 -3.66 -24.77
C TYR A 276 -14.43 -3.82 -23.32
N THR A 277 -15.71 -4.09 -23.07
CA THR A 277 -16.16 -4.27 -21.69
C THR A 277 -17.02 -5.52 -21.62
N SER A 278 -16.73 -6.44 -20.71
CA SER A 278 -17.59 -7.67 -20.70
C SER A 278 -18.21 -7.96 -19.34
N VAL A 279 -19.31 -8.67 -19.37
CA VAL A 279 -19.94 -9.09 -18.12
C VAL A 279 -20.34 -10.53 -18.27
N MET A 280 -19.92 -11.37 -17.37
CA MET A 280 -20.19 -12.78 -17.42
C MET A 280 -21.13 -13.16 -16.24
N CYS A 281 -22.22 -13.83 -16.53
CA CYS A 281 -23.02 -14.36 -15.44
C CYS A 281 -22.65 -15.82 -15.07
N ASN A 282 -22.27 -16.06 -13.84
CA ASN A 282 -21.82 -17.41 -13.43
C ASN A 282 -22.84 -18.53 -13.60
N GLU A 283 -24.10 -18.26 -13.29
CA GLU A 283 -25.11 -19.33 -13.22
C GLU A 283 -25.63 -19.68 -14.58
N THR A 284 -25.65 -18.72 -15.52
CA THR A 284 -26.26 -18.95 -16.74
C THR A 284 -25.32 -19.14 -17.92
N GLY A 285 -23.99 -19.00 -17.75
CA GLY A 285 -22.96 -19.25 -18.82
C GLY A 285 -23.16 -18.20 -19.91
N ASN A 286 -23.75 -17.05 -19.50
CA ASN A 286 -23.96 -15.95 -20.44
C ASN A 286 -22.80 -14.97 -20.47
N TYR A 287 -22.37 -14.68 -21.68
CA TYR A 287 -21.25 -13.76 -21.82
C TYR A 287 -21.76 -12.48 -22.53
N TYR A 288 -21.80 -11.37 -21.82
CA TYR A 288 -22.26 -10.14 -22.47
C TYR A 288 -21.08 -9.16 -22.72
N PHE A 289 -21.13 -8.34 -23.78
CA PHE A 289 -20.10 -7.31 -23.92
C PHE A 289 -20.56 -6.16 -24.80
N HIS A 290 -19.75 -5.12 -24.79
CA HIS A 290 -19.82 -4.12 -25.79
C HIS A 290 -18.37 -3.66 -26.08
N HIS A 291 -18.15 -2.92 -27.17
CA HIS A 291 -16.80 -2.40 -27.37
C HIS A 291 -16.80 -0.90 -27.69
N TYR A 292 -15.60 -0.32 -27.83
CA TYR A 292 -15.45 1.11 -27.97
C TYR A 292 -16.36 1.65 -29.08
N ASP A 293 -16.46 0.93 -30.18
CA ASP A 293 -17.22 1.37 -31.33
C ASP A 293 -18.68 0.87 -31.43
N ASN A 294 -19.19 0.21 -30.41
CA ASN A 294 -20.56 -0.24 -30.45
C ASN A 294 -21.03 -0.53 -29.06
N ARG A 295 -21.92 0.35 -28.62
CA ARG A 295 -22.46 0.49 -27.28
C ARG A 295 -23.46 -0.66 -27.07
N GLN A 296 -24.13 -1.13 -28.13
CA GLN A 296 -25.26 -2.03 -27.82
C GLN A 296 -24.70 -3.31 -27.15
N ILE A 297 -25.35 -3.86 -26.09
CA ILE A 297 -24.86 -5.10 -25.50
C ILE A 297 -25.05 -6.27 -26.51
N GLN A 298 -24.03 -7.09 -26.61
CA GLN A 298 -23.99 -8.29 -27.46
C GLN A 298 -23.85 -9.47 -26.54
N LYS A 299 -24.49 -10.57 -26.91
CA LYS A 299 -24.48 -11.72 -26.02
C LYS A 299 -24.19 -13.06 -26.67
N VAL A 300 -23.41 -13.89 -25.97
CA VAL A 300 -23.22 -15.28 -26.31
C VAL A 300 -23.66 -16.18 -25.15
N ASN A 301 -24.59 -17.11 -25.47
CA ASN A 301 -25.20 -18.07 -24.56
C ASN A 301 -24.34 -19.39 -24.65
N LEU A 302 -23.53 -19.68 -23.65
CA LEU A 302 -22.68 -20.84 -23.72
C LEU A 302 -23.52 -22.06 -24.10
N PHE A 303 -24.72 -22.19 -23.50
CA PHE A 303 -25.48 -23.47 -23.51
C PHE A 303 -26.29 -23.75 -24.77
N HIS A 304 -26.33 -22.79 -25.68
CA HIS A 304 -27.06 -22.95 -26.87
C HIS A 304 -26.17 -23.75 -27.84
N GLU A 305 -24.91 -23.86 -27.51
CA GLU A 305 -24.00 -24.63 -28.35
C GLU A 305 -23.85 -26.11 -27.91
N ASP A 306 -23.34 -26.88 -28.85
CA ASP A 306 -22.94 -28.24 -28.58
C ASP A 306 -21.60 -28.23 -27.83
N LEU A 307 -21.62 -28.50 -26.54
CA LEU A 307 -20.42 -28.37 -25.73
C LEU A 307 -19.37 -29.44 -26.00
N ASP A 308 -19.79 -30.44 -26.79
CA ASP A 308 -18.92 -31.54 -27.25
C ASP A 308 -18.35 -31.31 -28.66
N CYS A 309 -18.71 -30.21 -29.29
CA CYS A 309 -18.16 -29.77 -30.57
C CYS A 309 -16.61 -30.08 -30.82
N LEU A 310 -16.29 -30.53 -32.00
CA LEU A 310 -14.92 -30.99 -32.30
C LEU A 310 -13.91 -29.85 -32.26
N GLU A 311 -14.37 -28.64 -32.54
CA GLU A 311 -13.46 -27.49 -32.58
C GLU A 311 -14.03 -26.21 -32.02
N PRO A 312 -13.14 -25.29 -31.67
CA PRO A 312 -13.53 -24.01 -31.18
C PRO A 312 -14.42 -23.29 -32.20
N LYS A 313 -15.29 -22.41 -31.74
CA LYS A 313 -16.27 -21.70 -32.61
C LYS A 313 -16.19 -20.19 -32.22
N VAL A 314 -16.04 -19.33 -33.23
CA VAL A 314 -15.91 -17.91 -33.06
C VAL A 314 -17.27 -17.21 -33.29
N PHE A 315 -17.63 -16.29 -32.44
CA PHE A 315 -18.91 -15.55 -32.61
C PHE A 315 -18.44 -14.13 -32.85
N SER A 316 -18.40 -13.71 -34.10
CA SER A 316 -17.81 -12.45 -34.34
C SER A 316 -18.87 -11.33 -34.06
N ALA A 317 -18.37 -10.24 -33.47
CA ALA A 317 -19.10 -9.06 -33.04
C ALA A 317 -19.57 -8.20 -34.22
N LYS A 318 -20.76 -7.61 -34.06
CA LYS A 318 -21.17 -6.45 -34.80
C LYS A 318 -20.14 -5.40 -34.40
N ALA A 319 -19.41 -4.96 -35.41
CA ALA A 319 -18.33 -3.95 -35.32
C ALA A 319 -18.69 -2.45 -35.24
N GLU A 320 -19.78 -2.05 -35.89
CA GLU A 320 -20.19 -0.65 -35.99
C GLU A 320 -21.24 -0.38 -34.96
N GLU A 321 -21.38 0.87 -34.62
CA GLU A 321 -22.38 1.32 -33.77
C GLU A 321 -23.75 0.85 -34.28
N SER A 322 -24.37 0.00 -33.46
CA SER A 322 -25.69 -0.52 -33.78
C SER A 322 -26.80 0.42 -33.25
N ILE A 323 -27.32 1.18 -34.20
CA ILE A 323 -28.29 2.23 -33.92
C ILE A 323 -29.74 1.86 -34.08
N HIS A 324 -30.56 2.03 -33.06
CA HIS A 324 -31.98 1.69 -33.22
C HIS A 324 -32.78 2.90 -33.69
N GLU A 325 -33.34 2.82 -34.86
CA GLU A 325 -33.94 4.02 -35.49
C GLU A 325 -35.40 4.08 -35.16
N LEU A 326 -35.84 5.17 -34.52
CA LEU A 326 -37.24 5.20 -34.08
C LEU A 326 -38.15 5.70 -35.21
N ASN A 327 -37.55 6.31 -36.23
CA ASN A 327 -38.32 6.77 -37.42
C ASN A 327 -37.40 6.78 -38.67
N CYS B 1 2.61 11.59 14.36
CA CYS B 1 3.99 12.04 14.21
C CYS B 1 4.65 11.92 12.76
N THR B 2 5.49 12.91 12.44
CA THR B 2 6.18 12.89 11.16
C THR B 2 7.68 12.94 11.45
N SER B 3 8.41 11.99 10.89
CA SER B 3 9.89 12.03 11.04
C SER B 3 10.59 11.95 9.70
N LEU B 4 11.81 12.47 9.66
CA LEU B 4 12.60 12.52 8.40
C LEU B 4 14.03 12.75 8.73
N THR B 5 14.93 12.23 7.90
CA THR B 5 16.32 12.61 8.04
C THR B 5 16.70 13.63 6.96
N LEU B 6 17.74 14.45 7.22
CA LEU B 6 18.28 15.35 6.20
C LEU B 6 19.79 15.27 6.29
N GLU B 7 20.45 15.62 5.18
CA GLU B 7 21.91 15.63 5.13
C GLU B 7 22.31 17.01 4.64
N THR B 8 23.29 17.64 5.29
CA THR B 8 23.73 18.99 4.91
C THR B 8 24.97 18.94 3.93
N ALA B 9 25.32 20.09 3.33
CA ALA B 9 26.40 20.16 2.35
C ALA B 9 27.74 19.85 3.00
N ASP B 10 27.92 20.21 4.26
CA ASP B 10 29.12 19.80 4.92
C ASP B 10 29.04 18.39 5.50
N ARG B 11 27.99 17.65 5.14
CA ARG B 11 27.96 16.23 5.48
C ARG B 11 27.59 15.85 6.92
N LYS B 12 26.81 16.66 7.61
CA LYS B 12 26.20 16.21 8.87
C LYS B 12 24.85 15.61 8.58
N HIS B 13 24.32 14.87 9.55
CA HIS B 13 23.02 14.29 9.43
C HIS B 13 22.19 14.74 10.61
N VAL B 14 20.92 14.98 10.34
CA VAL B 14 19.98 15.16 11.44
C VAL B 14 18.83 14.22 11.29
N LEU B 15 18.23 13.81 12.41
CA LEU B 15 16.94 13.08 12.39
C LEU B 15 15.90 14.00 13.09
N ALA B 16 14.77 14.29 12.44
CA ALA B 16 13.79 15.26 12.97
C ALA B 16 12.42 14.59 13.12
N ARG B 17 11.65 14.96 14.15
CA ARG B 17 10.33 14.38 14.29
C ARG B 17 9.35 15.37 14.94
N THR B 18 8.09 15.39 14.53
CA THR B 18 7.06 16.07 15.32
C THR B 18 6.53 15.00 16.35
N MET B 19 5.88 15.43 17.42
CA MET B 19 5.23 14.43 18.36
C MET B 19 3.81 14.90 18.43
N ASP B 20 2.91 14.18 17.76
CA ASP B 20 1.48 14.58 17.68
C ASP B 20 0.72 13.64 18.66
N PHE B 21 -0.04 14.20 19.58
CA PHE B 21 -0.78 13.34 20.52
C PHE B 21 -1.89 14.14 21.18
N ALA B 22 -2.86 13.42 21.74
CA ALA B 22 -3.99 14.07 22.43
C ALA B 22 -3.65 14.19 23.93
N PHE B 23 -3.14 13.12 24.52
CA PHE B 23 -2.74 13.14 25.91
C PHE B 23 -1.42 13.94 26.01
N GLN B 24 -1.28 14.74 27.06
CA GLN B 24 -0.07 15.50 27.30
C GLN B 24 1.02 14.64 27.86
N LEU B 25 2.12 14.49 27.15
CA LEU B 25 3.17 13.59 27.59
C LEU B 25 4.07 14.21 28.63
N GLY B 26 4.26 15.52 28.58
CA GLY B 26 5.14 16.16 29.54
C GLY B 26 6.60 15.63 29.48
N THR B 27 7.09 15.34 28.28
CA THR B 27 8.46 14.92 28.15
C THR B 27 9.36 16.12 28.34
N GLU B 28 10.60 15.85 28.78
CA GLU B 28 11.71 16.89 28.85
C GLU B 28 12.96 16.26 28.35
N VAL B 29 13.98 17.04 27.96
CA VAL B 29 15.18 16.39 27.42
C VAL B 29 15.90 15.91 28.63
N ILE B 30 16.39 14.65 28.62
CA ILE B 30 17.09 14.07 29.77
C ILE B 30 18.38 13.31 29.31
N LEU B 31 19.47 13.47 30.08
CA LEU B 31 20.67 12.68 29.91
C LEU B 31 20.49 11.41 30.66
N TYR B 32 20.53 10.29 29.95
CA TYR B 32 20.70 9.00 30.55
C TYR B 32 22.20 8.62 30.43
N PRO B 33 22.93 8.49 31.56
CA PRO B 33 24.37 8.40 31.56
C PRO B 33 24.91 7.01 31.40
N ARG B 34 26.21 6.85 31.23
CA ARG B 34 26.73 5.48 31.04
C ARG B 34 26.75 4.62 32.34
N ARG B 35 26.70 3.29 32.24
CA ARG B 35 26.73 2.42 33.42
C ARG B 35 25.55 2.64 34.35
N TYR B 36 24.37 2.86 33.82
CA TYR B 36 23.20 3.16 34.61
C TYR B 36 22.37 1.89 34.64
N SER B 37 21.99 1.51 35.85
CA SER B 37 21.41 0.22 36.09
C SER B 37 19.96 0.49 36.09
N TRP B 38 19.20 -0.31 35.31
CA TRP B 38 17.72 -0.24 35.37
C TRP B 38 17.24 -1.67 35.17
N ASN B 39 15.98 -1.89 35.58
CA ASN B 39 15.28 -3.19 35.49
C ASN B 39 14.13 -3.08 34.55
N SER B 40 14.06 -4.00 33.59
CA SER B 40 12.97 -4.05 32.62
C SER B 40 11.58 -4.32 33.23
N GLU B 41 10.51 -3.75 32.70
CA GLU B 41 9.17 -4.16 33.19
C GLU B 41 8.94 -5.49 32.52
N ALA B 42 9.79 -6.06 31.34
CA ALA B 42 9.31 -7.33 30.80
C ALA B 42 9.39 -8.41 31.91
N ASP B 43 10.54 -8.54 32.59
CA ASP B 43 10.73 -9.69 33.50
C ASP B 43 11.46 -9.29 34.76
N GLY B 44 11.69 -7.98 35.01
CA GLY B 44 12.41 -7.57 36.21
C GLY B 44 13.93 -7.69 36.17
N ARG B 45 14.49 -8.32 35.12
CA ARG B 45 15.95 -8.50 35.04
C ARG B 45 16.68 -7.15 34.88
N ALA B 46 17.90 -7.07 35.36
CA ALA B 46 18.67 -5.83 35.44
C ALA B 46 19.39 -5.57 34.12
N HIS B 47 19.48 -4.29 33.72
CA HIS B 47 20.42 -3.97 32.61
C HIS B 47 21.29 -2.85 33.03
N GLN B 48 22.40 -2.73 32.32
CA GLN B 48 23.35 -1.68 32.55
C GLN B 48 23.72 -0.97 31.24
N THR B 49 23.48 0.34 31.18
CA THR B 49 23.59 1.05 29.96
C THR B 49 25.07 1.17 29.65
N GLN B 50 25.40 1.11 28.36
CA GLN B 50 26.81 1.21 27.92
C GLN B 50 27.09 2.61 27.34
N TYR B 51 26.18 3.08 26.48
CA TYR B 51 26.32 4.40 25.89
C TYR B 51 25.43 5.51 26.49
N ALA B 52 25.94 6.74 26.69
CA ALA B 52 25.08 7.80 27.21
C ALA B 52 24.27 8.36 26.10
N PHE B 53 23.14 9.02 26.43
CA PHE B 53 22.36 9.71 25.38
C PHE B 53 21.46 10.76 25.98
N ILE B 54 20.83 11.58 25.11
CA ILE B 54 19.83 12.54 25.48
C ILE B 54 18.65 12.38 24.53
N GLY B 55 17.42 12.57 25.08
CA GLY B 55 16.24 12.63 24.31
C GLY B 55 15.05 13.03 25.18
N MET B 56 13.89 13.18 24.55
CA MET B 56 12.68 13.57 25.28
C MET B 56 12.20 12.44 26.10
N GLY B 57 12.08 12.69 27.40
CA GLY B 57 11.74 11.57 28.28
C GLY B 57 10.80 11.91 29.39
N ARG B 58 10.28 10.85 30.00
CA ARG B 58 9.44 11.03 31.16
C ARG B 58 9.69 9.92 32.21
N LYS B 59 9.88 10.33 33.49
CA LYS B 59 10.00 9.35 34.59
C LYS B 59 8.64 8.69 34.88
N LEU B 60 8.54 7.40 34.58
CA LEU B 60 7.32 6.66 34.86
C LEU B 60 7.67 5.28 35.40
N GLY B 61 8.22 5.23 36.65
CA GLY B 61 9.07 4.08 37.09
C GLY B 61 10.48 4.42 36.57
N ASN B 62 10.98 3.68 35.58
CA ASN B 62 12.12 4.16 34.77
C ASN B 62 11.79 5.35 33.84
N ILE B 63 12.83 6.01 33.36
CA ILE B 63 12.63 7.06 32.37
C ILE B 63 12.66 6.51 30.98
N LEU B 64 11.26 6.71 30.50
CA LEU B 64 10.94 6.32 29.12
C LEU B 64 11.15 7.50 28.12
N PHE B 65 11.76 7.10 27.01
CA PHE B 65 12.10 8.00 25.95
C PHE B 65 11.31 7.89 24.64
N ALA B 66 10.93 9.04 24.09
CA ALA B 66 10.28 9.05 22.80
C ALA B 66 11.35 9.16 21.68
N ASP B 67 12.59 9.54 22.01
CA ASP B 67 13.61 9.60 20.97
C ASP B 67 14.92 9.92 21.63
N GLY B 68 16.00 9.96 20.83
CA GLY B 68 17.26 10.37 21.44
C GLY B 68 18.44 10.15 20.53
N ILE B 69 19.57 10.77 20.94
CA ILE B 69 20.82 10.75 20.18
C ILE B 69 21.89 10.31 21.15
N ASN B 70 22.66 9.26 20.81
CA ASN B 70 23.71 8.89 21.76
C ASN B 70 25.11 9.37 21.46
N GLU B 71 26.00 9.09 22.41
CA GLU B 71 27.43 9.49 22.35
C GLU B 71 28.20 8.88 21.22
N SER B 72 27.63 7.90 20.53
CA SER B 72 28.35 7.52 19.33
C SER B 72 27.68 7.75 17.96
N GLY B 73 26.66 8.60 17.96
CA GLY B 73 26.04 9.12 16.78
C GLY B 73 24.80 8.34 16.37
N LEU B 74 24.36 7.38 17.18
CA LEU B 74 23.11 6.69 16.86
C LEU B 74 21.91 7.47 17.36
N SER B 75 20.91 7.61 16.52
CA SER B 75 19.75 8.43 16.85
C SER B 75 18.58 7.57 16.56
N CYS B 76 17.48 7.74 17.33
CA CYS B 76 16.28 6.93 17.20
C CYS B 76 15.01 7.71 17.57
N ALA B 77 13.89 7.36 16.94
CA ALA B 77 12.62 8.02 17.31
C ALA B 77 11.50 7.00 17.29
N ALA B 78 10.66 7.00 18.33
CA ALA B 78 9.55 6.08 18.36
C ALA B 78 8.30 6.84 17.99
N LEU B 79 7.60 6.30 16.99
CA LEU B 79 6.34 6.89 16.50
C LEU B 79 5.17 5.85 16.59
N TYR B 80 3.94 6.33 16.76
CA TYR B 80 2.81 5.48 16.92
C TYR B 80 2.65 4.63 15.68
N PHE B 81 2.17 3.40 15.90
CA PHE B 81 2.01 2.39 14.81
C PHE B 81 0.72 1.57 15.11
N PRO B 82 -0.43 2.24 15.29
CA PRO B 82 -1.63 1.53 15.82
C PRO B 82 -2.17 0.59 14.80
N GLY B 83 -2.87 -0.43 15.32
CA GLY B 83 -3.29 -1.56 14.53
C GLY B 83 -2.20 -2.35 13.85
N TYR B 84 -0.94 -1.89 13.72
CA TYR B 84 0.00 -2.79 12.98
C TYR B 84 1.07 -3.49 13.82
N ALA B 85 1.37 -2.89 14.98
CA ALA B 85 2.39 -3.32 15.90
C ALA B 85 1.84 -4.56 16.57
N GLU B 86 2.69 -5.56 16.62
CA GLU B 86 2.36 -6.88 17.16
C GLU B 86 3.65 -7.30 17.92
N TYR B 87 3.49 -7.58 19.22
CA TYR B 87 4.59 -8.07 20.11
C TYR B 87 4.50 -9.58 20.49
N GLU B 88 5.61 -10.13 21.01
CA GLU B 88 5.61 -11.47 21.61
C GLU B 88 4.76 -11.63 22.92
N LYS B 89 3.78 -12.54 22.93
CA LYS B 89 2.92 -12.76 24.13
C LYS B 89 3.69 -13.70 25.10
N THR B 90 4.36 -14.68 24.50
CA THR B 90 5.06 -15.68 25.28
C THR B 90 6.54 -15.36 25.43
N ILE B 91 7.03 -15.36 26.66
CA ILE B 91 8.43 -15.08 26.87
C ILE B 91 9.30 -16.20 26.22
N ARG B 92 10.02 -15.88 25.14
CA ARG B 92 11.05 -16.80 24.57
C ARG B 92 12.14 -17.17 25.63
N GLU B 93 13.31 -17.67 25.18
CA GLU B 93 14.54 -17.73 26.05
C GLU B 93 15.85 -17.73 25.23
N ASP B 94 16.98 -17.40 25.90
CA ASP B 94 18.25 -16.97 25.22
C ASP B 94 18.09 -15.60 24.52
N THR B 95 17.13 -14.82 24.99
CA THR B 95 16.92 -13.48 24.49
C THR B 95 16.79 -12.51 25.66
N VAL B 96 17.21 -11.26 25.38
CA VAL B 96 16.88 -10.12 26.23
C VAL B 96 15.38 -9.78 25.98
N HIS B 97 14.63 -9.50 27.04
CA HIS B 97 13.21 -9.21 26.93
C HIS B 97 13.00 -7.76 27.30
N ILE B 98 12.33 -6.96 26.49
CA ILE B 98 11.96 -5.60 26.97
C ILE B 98 10.50 -5.38 26.62
N VAL B 99 9.88 -4.35 27.16
CA VAL B 99 8.58 -3.93 26.73
C VAL B 99 8.65 -2.81 25.64
N PRO B 100 7.54 -2.53 24.91
CA PRO B 100 7.70 -1.63 23.74
C PRO B 100 8.29 -0.29 24.09
N HIS B 101 7.80 0.34 25.16
CA HIS B 101 8.30 1.64 25.58
C HIS B 101 9.71 1.63 26.14
N GLU B 102 10.42 0.51 26.02
CA GLU B 102 11.82 0.48 26.47
C GLU B 102 12.76 0.43 25.32
N PHE B 103 12.20 0.26 24.11
CA PHE B 103 13.08 0.05 23.03
C PHE B 103 14.03 1.26 22.84
N VAL B 104 13.50 2.48 22.97
CA VAL B 104 14.39 3.58 22.78
C VAL B 104 15.57 3.49 23.76
N THR B 105 15.26 3.38 25.07
CA THR B 105 16.32 3.23 26.06
C THR B 105 17.27 2.08 25.66
N TRP B 106 16.70 0.99 25.24
CA TRP B 106 17.56 -0.17 24.99
C TRP B 106 18.58 0.13 23.91
N VAL B 107 18.06 0.50 22.73
CA VAL B 107 18.83 0.55 21.53
C VAL B 107 19.83 1.70 21.67
N LEU B 108 19.45 2.79 22.26
CA LEU B 108 20.40 3.92 22.40
C LEU B 108 21.52 3.64 23.46
N SER B 109 21.21 2.75 24.41
CA SER B 109 22.14 2.52 25.54
C SER B 109 23.14 1.40 25.26
N VAL B 110 22.81 0.56 24.28
CA VAL B 110 23.48 -0.70 24.09
C VAL B 110 24.08 -0.78 22.71
N CYS B 111 23.59 0.02 21.77
CA CYS B 111 24.13 -0.03 20.41
C CYS B 111 24.91 1.20 20.00
N GLN B 112 25.90 1.02 19.15
CA GLN B 112 26.69 2.18 18.73
C GLN B 112 26.52 2.57 17.29
N SER B 113 25.72 1.77 16.55
CA SER B 113 25.54 2.05 15.13
C SER B 113 24.40 1.25 14.59
N LEU B 114 24.08 1.51 13.34
CA LEU B 114 23.07 0.73 12.67
C LEU B 114 23.52 -0.73 12.50
N GLU B 115 24.77 -0.98 12.06
CA GLU B 115 25.29 -2.37 11.97
C GLU B 115 25.07 -3.10 13.29
N ASP B 116 25.57 -2.47 14.35
CA ASP B 116 25.35 -2.89 15.67
C ASP B 116 23.90 -3.22 16.02
N VAL B 117 22.93 -2.34 15.74
CA VAL B 117 21.50 -2.62 15.98
C VAL B 117 21.05 -3.86 15.19
N LYS B 118 21.49 -3.97 13.97
CA LYS B 118 20.99 -5.02 13.10
C LYS B 118 21.46 -6.33 13.71
N GLU B 119 22.53 -6.26 14.51
CA GLU B 119 23.13 -7.49 15.01
C GLU B 119 22.57 -7.77 16.36
N LYS B 120 22.52 -6.77 17.23
CA LYS B 120 22.02 -7.07 18.56
C LYS B 120 20.53 -7.40 18.56
N ILE B 121 19.82 -6.77 17.65
CA ILE B 121 18.37 -6.97 17.61
C ILE B 121 17.98 -8.45 17.35
N ARG B 122 18.90 -9.24 16.79
CA ARG B 122 18.66 -10.67 16.54
C ARG B 122 18.44 -11.48 17.84
N SER B 123 19.09 -11.11 18.94
CA SER B 123 18.76 -11.70 20.26
C SER B 123 17.87 -10.84 21.12
N LEU B 124 16.91 -10.09 20.56
CA LEU B 124 15.99 -9.28 21.42
C LEU B 124 14.53 -9.71 21.29
N THR B 125 13.72 -9.49 22.32
CA THR B 125 12.34 -9.90 22.26
C THR B 125 11.52 -8.82 22.87
N ILE B 126 10.59 -8.26 22.13
CA ILE B 126 9.80 -7.20 22.75
C ILE B 126 8.46 -7.84 23.09
N VAL B 127 8.02 -7.72 24.33
CA VAL B 127 6.82 -8.41 24.70
C VAL B 127 5.67 -7.50 25.04
N GLU B 128 4.49 -8.07 24.93
CA GLU B 128 3.31 -7.30 24.96
C GLU B 128 3.06 -6.92 26.42
N LYS B 129 3.22 -5.67 26.79
CA LYS B 129 2.98 -5.32 28.20
C LYS B 129 2.51 -3.85 28.25
N LYS B 130 1.55 -3.48 29.08
CA LYS B 130 1.01 -2.13 29.06
C LYS B 130 1.94 -1.07 29.64
N LEU B 131 1.60 0.17 29.38
CA LEU B 131 2.23 1.27 29.98
C LEU B 131 1.13 1.71 30.87
N ASP B 132 1.36 1.57 32.17
CA ASP B 132 0.32 1.86 33.19
C ASP B 132 -0.28 3.23 33.02
N LEU B 133 0.53 4.27 32.85
CA LEU B 133 -0.06 5.60 32.76
C LEU B 133 -1.22 5.61 31.78
N LEU B 134 -1.16 4.77 30.74
CA LEU B 134 -2.14 4.75 29.66
C LEU B 134 -3.06 3.50 29.74
N ASP B 135 -2.69 2.53 30.55
CA ASP B 135 -3.43 1.28 30.65
C ASP B 135 -3.59 0.68 29.25
N THR B 136 -2.54 0.78 28.44
CA THR B 136 -2.59 0.18 27.12
C THR B 136 -1.21 -0.22 26.60
N VAL B 137 -1.10 -1.25 25.76
CA VAL B 137 0.18 -1.56 25.09
C VAL B 137 0.44 -0.52 24.02
N LEU B 138 1.57 0.21 24.07
CA LEU B 138 1.96 1.18 23.02
C LEU B 138 2.21 0.48 21.70
N PRO B 139 1.38 0.84 20.68
CA PRO B 139 1.72 0.32 19.34
C PRO B 139 2.81 1.29 18.73
N LEU B 140 4.02 0.79 18.51
CA LEU B 140 5.09 1.65 18.04
C LEU B 140 5.90 1.03 16.88
N HIS B 141 6.63 1.88 16.13
CA HIS B 141 7.71 1.47 15.21
C HIS B 141 8.81 2.60 15.26
N TRP B 142 10.00 2.33 14.75
CA TRP B 142 11.14 3.17 15.07
C TRP B 142 11.93 3.51 13.81
N ILE B 143 12.45 4.74 13.80
CA ILE B 143 13.29 5.14 12.73
C ILE B 143 14.69 5.44 13.39
N LEU B 144 15.74 4.98 12.77
CA LEU B 144 17.07 5.16 13.34
C LEU B 144 18.00 5.67 12.28
N SER B 145 19.13 6.22 12.72
CA SER B 145 20.04 7.08 11.90
C SER B 145 21.40 6.96 12.59
N ASP B 146 22.54 7.00 11.89
CA ASP B 146 23.88 7.12 12.58
C ASP B 146 24.79 7.95 11.72
N ARG B 147 26.10 7.90 11.97
CA ARG B 147 26.99 8.80 11.27
C ARG B 147 27.37 8.35 9.84
N THR B 148 27.04 7.12 9.45
CA THR B 148 27.30 6.67 8.04
C THR B 148 26.33 7.32 7.08
N GLY B 149 25.24 7.86 7.59
CA GLY B 149 24.21 8.48 6.74
C GLY B 149 23.13 7.49 6.33
N ARG B 150 23.24 6.21 6.66
CA ARG B 150 22.16 5.26 6.39
C ARG B 150 20.93 5.46 7.35
N ASN B 151 19.76 4.90 7.05
CA ASN B 151 18.60 5.10 7.90
C ASN B 151 17.95 3.74 7.97
N LEU B 152 17.39 3.39 9.13
CA LEU B 152 16.60 2.18 9.22
C LEU B 152 15.23 2.50 9.75
N THR B 153 14.30 1.62 9.39
CA THR B 153 13.04 1.61 10.03
C THR B 153 12.88 0.21 10.54
N ILE B 154 12.34 0.08 11.74
CA ILE B 154 12.16 -1.22 12.39
C ILE B 154 10.70 -1.28 12.85
N GLU B 155 10.05 -2.40 12.56
CA GLU B 155 8.60 -2.47 12.78
C GLU B 155 8.25 -3.80 13.45
N PRO B 156 7.61 -3.75 14.61
CA PRO B 156 7.32 -5.01 15.26
C PRO B 156 6.05 -5.65 14.71
N ARG B 157 6.25 -6.71 13.95
CA ARG B 157 5.08 -7.32 13.26
C ARG B 157 4.75 -8.72 13.87
N ALA B 158 3.62 -9.29 13.43
CA ALA B 158 3.23 -10.63 13.90
C ALA B 158 4.33 -11.66 13.57
N ASP B 159 4.96 -11.47 12.43
CA ASP B 159 6.00 -12.32 11.95
C ASP B 159 7.32 -12.15 12.69
N GLY B 160 7.38 -11.26 13.68
CA GLY B 160 8.68 -10.82 14.27
C GLY B 160 9.09 -9.37 13.91
N LEU B 161 10.30 -8.98 14.34
CA LEU B 161 10.80 -7.64 14.20
C LEU B 161 11.33 -7.48 12.82
N LYS B 162 10.79 -6.54 12.06
CA LYS B 162 11.22 -6.36 10.70
C LYS B 162 12.10 -5.11 10.55
N VAL B 163 13.18 -5.26 9.79
CA VAL B 163 14.13 -4.22 9.56
C VAL B 163 14.19 -3.84 8.08
N TYR B 164 14.17 -2.53 7.80
CA TYR B 164 14.16 -2.01 6.44
C TYR B 164 15.23 -0.97 6.32
N ASP B 165 15.96 -0.99 5.24
CA ASP B 165 16.66 0.20 4.79
C ASP B 165 15.57 1.24 4.46
N ASN B 166 15.61 2.41 5.13
CA ASN B 166 14.64 3.47 4.84
C ASN B 166 15.32 4.44 3.90
N GLN B 167 15.15 4.21 2.60
CA GLN B 167 15.80 5.02 1.53
C GLN B 167 15.27 6.44 1.46
N PRO B 168 13.96 6.63 1.50
CA PRO B 168 13.50 8.06 1.54
C PRO B 168 13.93 8.77 2.84
N GLY B 169 14.20 8.04 3.92
CA GLY B 169 14.54 8.69 5.16
C GLY B 169 13.31 9.43 5.71
N VAL B 170 12.13 8.84 5.54
CA VAL B 170 10.95 9.40 6.14
C VAL B 170 10.18 8.30 6.79
N MET B 171 9.40 8.63 7.80
CA MET B 171 8.48 7.65 8.42
C MET B 171 7.42 8.42 9.17
N THR B 172 6.15 7.96 9.05
CA THR B 172 5.07 8.43 9.89
C THR B 172 4.45 7.32 10.77
N ASN B 173 3.23 6.89 10.44
CA ASN B 173 2.60 5.95 11.32
C ASN B 173 2.12 4.83 10.40
N SER B 174 0.97 4.25 10.73
CA SER B 174 0.45 3.08 9.98
C SER B 174 0.01 3.55 8.65
N PRO B 175 -0.06 2.65 7.66
CA PRO B 175 0.30 1.22 7.74
C PRO B 175 1.81 0.95 7.64
N ASP B 176 2.19 -0.28 7.27
CA ASP B 176 3.56 -0.72 7.32
C ASP B 176 4.53 0.02 6.35
N PHE B 177 5.83 -0.07 6.60
CA PHE B 177 6.73 0.78 5.88
C PHE B 177 6.66 0.49 4.30
N ILE B 178 6.61 -0.76 3.85
CA ILE B 178 6.62 -0.97 2.38
C ILE B 178 5.39 -0.36 1.68
N TRP B 179 4.27 -0.37 2.41
CA TRP B 179 3.01 0.23 1.95
C TRP B 179 3.24 1.71 1.56
N HIS B 180 3.85 2.48 2.44
CA HIS B 180 4.09 3.87 2.18
C HIS B 180 5.08 4.07 1.07
N VAL B 181 6.16 3.30 1.08
CA VAL B 181 7.13 3.47 0.04
C VAL B 181 6.45 3.15 -1.30
N THR B 182 5.57 2.17 -1.33
CA THR B 182 4.90 1.82 -2.65
C THR B 182 3.95 2.99 -3.02
N ASN B 183 3.29 3.56 -2.03
CA ASN B 183 2.35 4.64 -2.25
C ASN B 183 3.08 5.86 -2.89
N LEU B 184 4.39 6.00 -2.66
CA LEU B 184 5.06 7.11 -3.27
C LEU B 184 5.00 7.07 -4.77
N GLN B 185 4.98 5.88 -5.38
CA GLN B 185 4.77 5.84 -6.82
C GLN B 185 3.56 6.65 -7.28
N GLN B 186 2.51 6.86 -6.49
CA GLN B 186 1.39 7.61 -7.06
C GLN B 186 1.72 9.11 -7.22
N TYR B 187 2.82 9.56 -6.60
CA TYR B 187 3.03 11.00 -6.42
C TYR B 187 4.25 11.62 -7.11
N THR B 188 4.83 10.87 -8.07
CA THR B 188 6.08 11.28 -8.66
C THR B 188 5.81 12.44 -9.61
N GLY B 189 4.55 12.79 -9.92
CA GLY B 189 4.26 13.92 -10.76
C GLY B 189 4.28 15.28 -10.05
N ILE B 190 4.29 15.34 -8.73
CA ILE B 190 4.24 16.63 -8.13
C ILE B 190 5.64 17.27 -8.32
N ARG B 191 5.71 18.54 -8.70
CA ARG B 191 7.02 19.09 -8.86
C ARG B 191 7.01 20.61 -8.64
N PRO B 192 8.17 21.19 -8.29
CA PRO B 192 8.30 22.55 -7.90
C PRO B 192 7.99 23.56 -9.01
N LYS B 193 8.29 23.21 -10.24
CA LYS B 193 8.08 24.14 -11.35
C LYS B 193 6.88 23.73 -12.18
N GLN B 194 5.99 24.67 -12.46
CA GLN B 194 4.96 24.42 -13.43
C GLN B 194 5.49 23.91 -14.83
N LEU B 195 4.79 22.91 -15.37
CA LEU B 195 4.86 22.38 -16.76
C LEU B 195 5.25 23.31 -17.96
N GLU B 196 4.39 24.29 -18.29
CA GLU B 196 4.79 25.56 -19.03
C GLU B 196 3.85 26.77 -18.68
N ALA B 207 -1.89 30.85 -14.26
CA ALA B 207 -1.06 31.72 -13.41
C ALA B 207 -1.82 32.62 -12.38
N PHE B 208 -2.54 31.97 -11.43
CA PHE B 208 -3.03 32.69 -10.25
C PHE B 208 -1.86 33.12 -9.37
N GLY B 209 -0.72 32.47 -9.63
CA GLY B 209 0.51 32.70 -8.85
C GLY B 209 1.56 31.59 -9.04
N GLN B 210 2.37 31.37 -8.01
CA GLN B 210 3.30 30.29 -8.05
C GLN B 210 2.62 28.99 -7.66
N GLY B 211 3.36 27.87 -7.69
CA GLY B 211 2.93 26.64 -7.03
C GLY B 211 2.21 25.66 -7.89
N LEU B 212 1.83 26.01 -9.09
CA LEU B 212 0.98 25.04 -9.83
C LEU B 212 1.59 23.59 -10.02
N GLY B 213 2.92 23.49 -10.11
CA GLY B 213 3.44 22.15 -10.26
C GLY B 213 3.21 21.28 -9.07
N THR B 214 2.77 21.90 -8.01
CA THR B 214 2.72 21.34 -6.67
C THR B 214 1.30 20.77 -6.47
N VAL B 215 0.39 21.09 -7.38
CA VAL B 215 -0.93 20.54 -7.28
C VAL B 215 -0.87 19.02 -7.13
N GLY B 216 -1.66 18.46 -6.23
CA GLY B 216 -1.73 17.05 -5.91
C GLY B 216 -1.03 16.67 -4.63
N LEU B 217 -0.05 17.47 -4.17
CA LEU B 217 0.48 17.31 -2.80
C LEU B 217 -0.69 17.12 -1.74
N PRO B 218 -0.75 15.99 -1.04
CA PRO B 218 -1.91 15.73 -0.10
C PRO B 218 -1.79 16.73 1.04
N GLY B 219 -2.89 17.38 1.46
CA GLY B 219 -2.83 18.34 2.53
C GLY B 219 -3.35 17.88 3.89
N ASP B 220 -3.84 16.63 4.02
CA ASP B 220 -4.60 16.27 5.23
C ASP B 220 -3.68 15.67 6.27
N TYR B 221 -4.12 15.39 7.49
CA TYR B 221 -3.25 14.94 8.52
C TYR B 221 -3.11 13.44 8.75
N THR B 222 -3.72 12.63 7.90
CA THR B 222 -3.46 11.20 7.90
C THR B 222 -2.04 10.81 7.67
N PRO B 223 -1.64 9.73 8.29
CA PRO B 223 -0.22 9.27 8.18
C PRO B 223 0.29 9.12 6.73
N PRO B 224 -0.48 8.46 5.83
CA PRO B 224 -0.03 8.34 4.42
C PRO B 224 0.22 9.69 3.76
N SER B 225 -0.63 10.69 4.05
CA SER B 225 -0.44 11.99 3.39
C SER B 225 0.71 12.73 4.01
N ARG B 226 0.91 12.58 5.31
CA ARG B 226 2.00 13.30 5.91
C ARG B 226 3.30 12.69 5.34
N PHE B 227 3.32 11.37 5.06
CA PHE B 227 4.49 10.69 4.58
C PHE B 227 4.84 11.24 3.21
N VAL B 228 3.84 11.40 2.37
CA VAL B 228 4.08 11.82 1.00
C VAL B 228 4.55 13.28 0.98
N ARG B 229 3.94 14.12 1.85
CA ARG B 229 4.22 15.52 1.87
C ARG B 229 5.62 15.64 2.43
N ALA B 230 6.02 14.80 3.38
CA ALA B 230 7.46 14.96 3.89
C ALA B 230 8.47 14.61 2.78
N VAL B 231 8.18 13.56 2.01
CA VAL B 231 9.09 13.06 1.01
C VAL B 231 9.16 14.14 -0.05
N TYR B 232 8.02 14.69 -0.47
CA TYR B 232 8.14 15.74 -1.44
C TYR B 232 9.04 16.87 -1.01
N LEU B 233 8.88 17.38 0.23
CA LEU B 233 9.57 18.55 0.65
C LEU B 233 11.04 18.24 0.90
N LYS B 234 11.35 17.08 1.47
CA LYS B 234 12.71 16.64 1.59
C LYS B 234 13.41 16.58 0.17
N GLU B 235 12.77 15.95 -0.81
CA GLU B 235 13.39 15.74 -2.12
C GLU B 235 13.69 17.03 -2.84
N HIS B 236 12.91 18.08 -2.67
CA HIS B 236 13.18 19.29 -3.37
C HIS B 236 13.74 20.35 -2.43
N LEU B 237 14.18 19.98 -1.21
CA LEU B 237 14.85 20.99 -0.37
C LEU B 237 16.21 21.54 -0.98
N GLU B 238 16.34 22.82 -1.27
CA GLU B 238 17.65 23.37 -1.51
C GLU B 238 18.64 22.91 -0.45
N PRO B 239 19.84 22.51 -0.86
CA PRO B 239 20.78 21.95 0.15
C PRO B 239 21.08 22.88 1.31
N ALA B 240 21.16 22.31 2.51
CA ALA B 240 21.39 23.17 3.68
C ALA B 240 22.90 23.13 3.99
N ALA B 241 23.56 24.27 4.17
CA ALA B 241 25.06 24.33 4.16
C ALA B 241 25.73 23.66 5.38
N ASP B 242 25.10 23.75 6.56
CA ASP B 242 25.75 23.33 7.77
C ASP B 242 24.67 22.93 8.83
N GLU B 243 25.13 22.37 9.99
CA GLU B 243 24.27 21.90 11.10
C GLU B 243 23.16 22.88 11.36
N THR B 244 23.45 24.16 11.59
CA THR B 244 22.35 25.05 11.92
C THR B 244 21.33 25.20 10.81
N LYS B 245 21.81 25.36 9.59
CA LYS B 245 20.89 25.52 8.45
C LYS B 245 20.09 24.25 8.23
N GLY B 246 20.68 23.11 8.57
CA GLY B 246 19.99 21.83 8.53
C GLY B 246 18.84 21.73 9.51
N VAL B 247 19.03 22.24 10.72
CA VAL B 247 18.08 22.24 11.81
C VAL B 247 16.91 23.13 11.39
N THR B 248 17.22 24.31 10.81
CA THR B 248 16.19 25.21 10.33
C THR B 248 15.34 24.56 9.28
N ALA B 249 15.99 23.97 8.29
CA ALA B 249 15.27 23.33 7.21
C ALA B 249 14.36 22.23 7.80
N ALA B 250 14.87 21.37 8.69
CA ALA B 250 14.04 20.24 9.18
C ALA B 250 12.79 20.85 9.81
N PHE B 251 12.94 21.99 10.47
CA PHE B 251 11.78 22.66 11.11
C PHE B 251 10.86 23.27 10.13
N GLN B 252 11.46 23.89 9.09
CA GLN B 252 10.64 24.42 7.99
C GLN B 252 9.82 23.30 7.34
N ILE B 253 10.41 22.11 7.09
CA ILE B 253 9.65 21.06 6.46
C ILE B 253 8.53 20.60 7.46
N LEU B 254 8.90 20.38 8.73
CA LEU B 254 7.95 19.83 9.65
C LEU B 254 6.88 20.89 10.00
N ALA B 255 7.11 22.14 9.70
CA ALA B 255 6.05 23.12 9.88
C ALA B 255 4.83 22.68 9.03
N ASN B 256 5.09 22.01 7.90
CA ASN B 256 4.05 21.70 7.00
C ASN B 256 3.25 20.56 7.49
N MET B 257 3.67 19.89 8.57
CA MET B 257 2.92 18.75 9.20
C MET B 257 2.59 19.04 10.67
N THR B 258 2.53 20.32 11.03
CA THR B 258 2.18 20.79 12.35
C THR B 258 0.66 21.00 12.52
N ILE B 259 0.08 20.29 13.48
CA ILE B 259 -1.40 20.26 13.65
C ILE B 259 -1.72 21.28 14.73
N PRO B 260 -2.44 22.36 14.38
CA PRO B 260 -2.91 23.33 15.36
C PRO B 260 -4.00 22.73 16.27
N LYS B 261 -4.18 23.25 17.47
CA LYS B 261 -5.21 22.62 18.32
C LYS B 261 -6.59 22.81 17.71
N GLY B 262 -7.35 21.73 17.53
CA GLY B 262 -8.68 21.88 16.97
C GLY B 262 -8.76 21.27 15.59
N ALA B 263 -7.67 21.27 14.85
CA ALA B 263 -7.71 20.73 13.48
C ALA B 263 -8.08 19.29 13.43
N VAL B 264 -7.67 18.51 14.42
CA VAL B 264 -7.85 17.05 14.42
C VAL B 264 -8.42 16.54 15.79
N ILE B 265 -9.52 15.81 15.76
CA ILE B 265 -10.17 15.34 17.00
C ILE B 265 -10.27 13.85 16.98
N THR B 266 -9.92 13.22 18.08
CA THR B 266 -9.94 11.71 18.14
C THR B 266 -11.36 11.17 18.36
N GLU B 267 -11.53 9.84 18.28
CA GLU B 267 -12.76 9.10 18.60
C GLU B 267 -13.30 9.45 19.94
N GLU B 268 -12.42 9.88 20.85
CA GLU B 268 -12.83 10.16 22.20
C GLU B 268 -13.10 11.63 22.40
N ASP B 269 -13.21 12.42 21.33
CA ASP B 269 -13.37 13.90 21.49
C ASP B 269 -12.18 14.69 22.08
N GLU B 270 -10.98 14.12 21.90
CA GLU B 270 -9.77 14.76 22.41
C GLU B 270 -9.10 15.47 21.19
N ILE B 271 -8.26 16.46 21.49
CA ILE B 271 -7.64 17.30 20.50
C ILE B 271 -6.33 16.67 20.30
N HIS B 272 -6.09 16.27 19.07
CA HIS B 272 -4.83 15.65 18.70
C HIS B 272 -3.98 16.76 18.02
N TYR B 273 -2.87 17.18 18.64
CA TYR B 273 -2.07 18.31 18.09
C TYR B 273 -0.60 18.07 18.20
N THR B 274 0.23 18.90 17.60
CA THR B 274 1.72 18.72 17.65
C THR B 274 2.23 19.37 18.94
N GLN B 275 2.79 18.59 19.85
CA GLN B 275 3.11 19.07 21.19
C GLN B 275 4.54 19.60 21.16
N TYR B 276 5.45 18.82 20.54
CA TYR B 276 6.84 19.26 20.30
C TYR B 276 7.44 18.76 18.97
N THR B 277 8.49 19.46 18.51
CA THR B 277 9.20 19.04 17.30
C THR B 277 10.67 19.05 17.64
N SER B 278 11.39 17.95 17.33
CA SER B 278 12.78 17.95 17.63
C SER B 278 13.68 17.56 16.48
N VAL B 279 14.95 17.98 16.57
CA VAL B 279 15.92 17.62 15.52
C VAL B 279 17.19 17.18 16.27
N MET B 280 17.76 16.07 15.84
CA MET B 280 18.90 15.52 16.53
C MET B 280 20.06 15.40 15.54
N CYS B 281 21.27 15.85 15.88
CA CYS B 281 22.38 15.83 14.89
C CYS B 281 23.32 14.69 15.17
N ASN B 282 23.44 13.72 14.26
CA ASN B 282 24.26 12.54 14.58
C ASN B 282 25.75 12.80 14.92
N GLU B 283 26.41 13.73 14.21
CA GLU B 283 27.83 13.98 14.39
C GLU B 283 28.10 14.77 15.66
N THR B 284 27.23 15.72 16.01
CA THR B 284 27.53 16.63 17.04
C THR B 284 26.86 16.27 18.39
N GLY B 285 25.98 15.28 18.41
CA GLY B 285 25.31 14.98 19.68
C GLY B 285 24.40 16.15 20.14
N ASN B 286 24.08 17.12 19.28
CA ASN B 286 23.12 18.15 19.64
C ASN B 286 21.62 17.77 19.48
N TYR B 287 20.82 18.15 20.47
CA TYR B 287 19.41 17.83 20.38
C TYR B 287 18.66 19.17 20.37
N TYR B 288 18.03 19.55 19.27
CA TYR B 288 17.27 20.86 19.25
C TYR B 288 15.77 20.61 19.34
N PHE B 289 14.99 21.58 19.79
CA PHE B 289 13.55 21.36 19.85
C PHE B 289 12.84 22.63 20.04
N HIS B 290 11.59 22.70 19.58
CA HIS B 290 10.62 23.71 20.09
C HIS B 290 9.34 22.99 20.45
N HIS B 291 8.34 23.72 20.94
CA HIS B 291 7.09 23.04 21.30
C HIS B 291 5.92 24.02 21.04
N TYR B 292 4.71 23.51 21.18
CA TYR B 292 3.55 24.12 20.65
C TYR B 292 3.51 25.56 21.09
N ASP B 293 3.85 25.77 22.35
CA ASP B 293 3.78 27.07 22.95
C ASP B 293 5.06 27.92 22.92
N ASN B 294 6.14 27.47 22.28
CA ASN B 294 7.30 28.34 22.27
C ASN B 294 8.06 28.00 21.06
N ARG B 295 8.07 28.92 20.12
CA ARG B 295 8.70 28.77 18.81
C ARG B 295 10.24 28.72 18.86
N GLN B 296 10.86 29.32 19.87
CA GLN B 296 12.33 29.50 19.83
C GLN B 296 13.09 28.14 19.92
N ILE B 297 14.08 27.88 19.08
CA ILE B 297 14.73 26.63 19.24
C ILE B 297 15.44 26.52 20.59
N GLN B 298 15.31 25.35 21.22
CA GLN B 298 16.05 25.07 22.43
C GLN B 298 17.03 23.96 22.14
N LYS B 299 18.12 23.96 22.88
CA LYS B 299 19.18 23.05 22.55
C LYS B 299 19.88 22.43 23.76
N VAL B 300 20.12 21.11 23.71
CA VAL B 300 21.00 20.46 24.64
C VAL B 300 22.16 19.82 23.90
N ASN B 301 23.37 20.07 24.40
CA ASN B 301 24.57 19.48 23.82
C ASN B 301 24.93 18.21 24.68
N LEU B 302 24.88 17.01 24.11
CA LEU B 302 25.17 15.82 24.90
C LEU B 302 26.58 15.94 25.49
N PHE B 303 27.50 16.51 24.73
CA PHE B 303 28.86 16.26 25.11
C PHE B 303 29.42 17.27 26.14
N HIS B 304 28.61 18.24 26.54
CA HIS B 304 29.03 19.16 27.57
C HIS B 304 28.79 18.47 28.87
N GLU B 305 28.20 17.29 28.92
CA GLU B 305 27.84 16.75 30.20
C GLU B 305 28.85 15.73 30.74
N ASP B 306 28.79 15.41 32.01
CA ASP B 306 29.64 14.31 32.49
C ASP B 306 28.94 13.00 32.12
N LEU B 307 29.45 12.23 31.19
CA LEU B 307 28.66 11.10 30.68
C LEU B 307 28.72 9.91 31.66
N ASP B 308 29.61 10.00 32.63
CA ASP B 308 29.70 9.04 33.75
C ASP B 308 28.92 9.49 34.99
N CYS B 309 28.17 10.56 34.88
CA CYS B 309 27.19 10.90 35.88
C CYS B 309 26.45 9.70 36.56
N LEU B 310 26.04 9.91 37.79
CA LEU B 310 25.55 8.78 38.60
C LEU B 310 24.05 8.64 38.40
N GLU B 311 23.44 9.71 37.93
CA GLU B 311 22.03 9.64 37.73
C GLU B 311 21.51 10.55 36.59
N PRO B 312 20.28 10.33 36.14
CA PRO B 312 19.78 11.10 35.00
C PRO B 312 19.72 12.55 35.35
N LYS B 313 19.93 13.37 34.34
CA LYS B 313 19.86 14.80 34.48
C LYS B 313 18.77 15.33 33.53
N VAL B 314 17.91 16.21 34.01
CA VAL B 314 16.75 16.71 33.27
C VAL B 314 17.09 18.09 32.81
N PHE B 315 16.84 18.47 31.56
CA PHE B 315 17.06 19.90 31.18
C PHE B 315 15.74 20.53 30.93
N SER B 316 15.20 21.24 31.86
CA SER B 316 13.83 21.61 31.64
C SER B 316 13.70 22.88 30.79
N ALA B 317 12.64 22.84 30.01
CA ALA B 317 12.44 23.77 28.92
C ALA B 317 11.79 25.05 29.39
N LYS B 318 12.12 26.14 28.66
CA LYS B 318 11.37 27.39 28.68
C LYS B 318 9.93 27.06 28.16
N ALA B 319 8.92 27.33 28.98
CA ALA B 319 7.52 26.89 28.67
C ALA B 319 6.62 27.89 27.90
N GLU B 320 6.97 29.16 27.95
CA GLU B 320 6.17 30.12 27.26
C GLU B 320 6.92 30.72 26.09
N GLU B 321 6.20 31.55 25.35
CA GLU B 321 6.64 31.99 24.06
C GLU B 321 7.77 32.95 24.40
N SER B 322 8.96 32.63 23.90
CA SER B 322 10.11 33.48 24.16
C SER B 322 10.22 34.56 23.09
N ILE B 323 9.83 35.79 23.40
CA ILE B 323 9.64 36.82 22.44
C ILE B 323 10.79 37.78 22.60
N HIS B 324 11.49 38.05 21.53
CA HIS B 324 12.58 38.99 21.53
C HIS B 324 12.09 40.40 21.21
N GLU B 325 12.13 41.31 22.19
CA GLU B 325 11.53 42.67 22.00
C GLU B 325 12.54 43.58 21.35
N LEU B 326 12.21 44.14 20.23
CA LEU B 326 13.08 45.02 19.52
C LEU B 326 12.95 46.48 20.10
N ASN B 327 11.94 46.75 20.93
CA ASN B 327 11.89 48.07 21.61
C ASN B 327 11.00 48.05 22.84
#